data_4MTV
#
_entry.id   4MTV
#
_cell.length_a   62.870
_cell.length_b   66.499
_cell.length_c   107.126
_cell.angle_alpha   90.00
_cell.angle_beta   90.00
_cell.angle_gamma   90.00
#
_symmetry.space_group_name_H-M   'P 21 21 21'
#
loop_
_entity.id
_entity.type
_entity.pdbx_description
1 polymer 'Chitinase-3-like protein 1'
2 branched 2-acetamido-2-deoxy-beta-D-glucopyranose-(1-4)-2-acetamido-2-deoxy-beta-D-glucopyranose-(1-4)-2-acetamido-2-deoxy-beta-D-glucopyranose-(1-4)-2-acetamido-2-deoxy-beta-D-glucopyranose-(1-4)-2-acetamido-2-deoxy-beta-D-glucopyranose
3 non-polymer 2-acetamido-2-deoxy-beta-D-glucopyranose
4 water water
#
_entity_poly.entity_id   1
_entity_poly.type   'polypeptide(L)'
_entity_poly.pdbx_seq_one_letter_code
;YKLICYYTSWSQYREGDGSCFPDAIDPFLCTHVIYSFANISNNEIDTWEWNDVTLYDTLNTLKNRNPNLKTLLSVGGWNY
GSQRFSKIASKTQSRRTFIKSVPPFLRTHGFDGLDLAWLWPGWRDKRHLTTLVKEMKAEFVREAQAGTEQLLLSAAVTAG
KIAIDRGYDIAQISRHLDFISLLTYDFHGAWRQTVGHHSPLFRGNEDASSRFSNADYAVSYMLRLGAPANKLVMGIPTFG
RSYTLASSKTDVGAPISGPGIPGRFTKWKGILAYYEICDFLHGATTHRFRDQQVPYATKGNQWVAYDDQESVKNKARYLK
NRQLAGAMVWALDLDDFRGTFCGQNLTFPLTSAIKDVLARV
;
_entity_poly.pdbx_strand_id   A
#
loop_
_chem_comp.id
_chem_comp.type
_chem_comp.name
_chem_comp.formula
NAG D-saccharide, beta linking 2-acetamido-2-deoxy-beta-D-glucopyranose 'C8 H15 N O6'
#
# COMPACT_ATOMS: atom_id res chain seq x y z
N TYR A 1 10.74 -15.08 0.90
CA TYR A 1 9.54 -14.20 0.98
C TYR A 1 9.90 -12.77 0.62
N LYS A 2 8.96 -12.06 0.01
CA LYS A 2 9.15 -10.66 -0.35
C LYS A 2 8.42 -9.80 0.68
N LEU A 3 9.01 -8.65 0.99
CA LEU A 3 8.47 -7.69 1.95
C LEU A 3 8.56 -6.31 1.30
N ILE A 4 7.48 -5.90 0.64
CA ILE A 4 7.42 -4.62 -0.08
C ILE A 4 6.93 -3.49 0.84
N CYS A 5 7.81 -2.50 1.07
CA CYS A 5 7.45 -1.39 1.95
C CYS A 5 7.41 -0.04 1.25
N TYR A 6 6.26 0.63 1.34
CA TYR A 6 6.13 1.93 0.74
C TYR A 6 6.62 2.99 1.71
N TYR A 7 7.21 4.03 1.15
CA TYR A 7 7.67 5.18 1.92
C TYR A 7 7.00 6.35 1.18
N THR A 8 6.35 7.24 1.93
CA THR A 8 5.66 8.37 1.34
C THR A 8 6.43 9.70 1.33
N SER A 9 6.37 10.41 0.20
CA SER A 9 7.05 11.70 0.00
C SER A 9 6.76 12.72 1.09
N TRP A 10 5.47 13.04 1.20
CA TRP A 10 4.96 14.03 2.11
C TRP A 10 5.13 13.83 3.61
N SER A 11 5.68 12.68 4.02
CA SER A 11 5.83 12.45 5.46
C SER A 11 7.00 13.24 6.06
N GLN A 12 7.74 13.96 5.21
CA GLN A 12 8.88 14.75 5.70
C GLN A 12 8.37 16.04 6.37
N TYR A 13 7.20 16.48 5.93
CA TYR A 13 6.57 17.70 6.45
C TYR A 13 5.85 17.57 7.78
N ARG A 14 5.69 16.36 8.28
CA ARG A 14 5.01 16.19 9.56
C ARG A 14 5.89 16.75 10.67
N GLU A 15 5.29 17.46 11.62
CA GLU A 15 6.10 18.06 12.68
C GLU A 15 6.56 17.18 13.82
N GLY A 16 7.62 17.64 14.47
CA GLY A 16 8.20 16.91 15.58
C GLY A 16 8.67 15.53 15.19
N ASP A 17 8.51 14.60 16.12
CA ASP A 17 8.91 13.21 15.88
C ASP A 17 8.19 12.57 14.71
N GLY A 18 7.04 13.14 14.33
CA GLY A 18 6.28 12.60 13.23
C GLY A 18 7.03 12.67 11.91
N SER A 19 8.05 13.51 11.84
CA SER A 19 8.86 13.71 10.64
C SER A 19 9.67 12.46 10.26
N CYS A 20 9.56 12.03 9.00
CA CYS A 20 10.28 10.84 8.56
C CYS A 20 11.03 11.05 7.24
N PHE A 21 12.30 10.65 7.21
CA PHE A 21 13.14 10.74 6.02
C PHE A 21 13.69 9.32 5.75
N PRO A 22 13.99 8.98 4.47
CA PRO A 22 14.53 7.67 4.05
C PRO A 22 15.48 7.09 5.11
N ASP A 23 16.24 8.01 5.69
CA ASP A 23 17.20 7.85 6.78
C ASP A 23 16.79 6.85 7.86
N ALA A 24 15.57 7.08 8.33
CA ALA A 24 15.00 6.31 9.39
C ALA A 24 14.73 4.86 9.02
N ILE A 25 14.81 4.53 7.74
CA ILE A 25 14.53 3.17 7.31
C ILE A 25 15.68 2.20 7.61
N ASP A 26 15.35 1.12 8.32
CA ASP A 26 16.31 0.07 8.62
C ASP A 26 16.47 -0.68 7.30
N PRO A 27 17.67 -0.63 6.70
CA PRO A 27 17.92 -1.29 5.42
C PRO A 27 17.79 -2.81 5.31
N PHE A 28 17.75 -3.52 6.44
CA PHE A 28 17.60 -4.98 6.37
C PHE A 28 16.18 -5.40 6.71
N LEU A 29 15.31 -4.43 6.90
CA LEU A 29 13.93 -4.70 7.23
C LEU A 29 13.18 -5.31 6.04
N CYS A 30 12.99 -4.51 5.00
CA CYS A 30 12.26 -4.94 3.82
C CYS A 30 13.14 -5.50 2.70
N THR A 31 12.54 -6.13 1.70
CA THR A 31 13.32 -6.65 0.59
C THR A 31 13.30 -5.60 -0.51
N HIS A 32 12.17 -4.90 -0.59
CA HIS A 32 11.95 -3.85 -1.56
C HIS A 32 11.36 -2.61 -0.89
N VAL A 33 11.87 -1.43 -1.21
CA VAL A 33 11.27 -0.23 -0.64
C VAL A 33 10.81 0.56 -1.84
N ILE A 34 9.57 0.97 -1.82
CA ILE A 34 8.96 1.75 -2.89
C ILE A 34 8.72 3.15 -2.48
N TYR A 35 9.14 4.11 -3.28
CA TYR A 35 8.93 5.52 -3.07
C TYR A 35 7.73 6.03 -3.81
N SER A 36 6.84 6.68 -3.10
CA SER A 36 5.60 7.26 -3.61
C SER A 36 5.55 8.75 -3.46
N PHE A 37 5.10 9.50 -4.44
CA PHE A 37 4.84 9.05 -5.75
C PHE A 37 5.58 9.99 -6.69
N ALA A 38 5.62 9.64 -7.96
CA ALA A 38 6.18 10.46 -8.99
C ALA A 38 5.08 11.13 -9.75
N ASN A 39 5.39 12.20 -10.46
CA ASN A 39 4.48 12.90 -11.32
C ASN A 39 4.60 12.43 -12.74
N ILE A 40 3.76 12.91 -13.61
CA ILE A 40 3.94 12.78 -15.05
C ILE A 40 3.79 14.16 -15.63
N SER A 41 4.76 14.64 -16.39
CA SER A 41 4.78 16.01 -16.89
C SER A 41 5.36 16.04 -18.29
N ASN A 42 4.68 16.72 -19.21
CA ASN A 42 5.12 16.77 -20.60
C ASN A 42 5.20 15.33 -21.08
N ASN A 43 4.23 14.55 -20.61
CA ASN A 43 4.08 13.12 -20.88
C ASN A 43 5.26 12.25 -20.44
N GLU A 44 6.12 12.82 -19.59
CA GLU A 44 7.28 12.09 -19.06
C GLU A 44 7.21 11.93 -17.52
N ILE A 45 7.78 10.89 -16.99
CA ILE A 45 7.88 10.72 -15.57
C ILE A 45 8.80 11.78 -15.00
N ASP A 46 8.45 12.30 -13.86
CA ASP A 46 9.20 13.42 -13.32
C ASP A 46 9.05 13.42 -11.81
N THR A 47 9.84 14.24 -11.10
CA THR A 47 9.78 14.30 -9.63
C THR A 47 8.46 14.90 -9.15
N TRP A 48 8.20 14.89 -7.83
CA TRP A 48 6.96 15.48 -7.31
C TRP A 48 7.28 16.68 -6.41
N GLU A 49 7.92 16.43 -5.27
CA GLU A 49 8.28 17.52 -4.35
C GLU A 49 9.53 18.22 -4.90
N TRP A 50 9.88 19.37 -4.31
CA TRP A 50 11.06 20.11 -4.73
C TRP A 50 12.32 19.29 -4.51
N ASN A 51 12.44 18.74 -3.30
CA ASN A 51 13.62 17.97 -2.94
C ASN A 51 13.65 16.48 -3.23
N ASP A 52 12.77 15.96 -4.09
CA ASP A 52 12.79 14.53 -4.38
C ASP A 52 14.21 14.08 -4.75
N VAL A 53 14.86 14.79 -5.69
CA VAL A 53 16.23 14.38 -6.10
C VAL A 53 17.10 14.07 -4.90
N THR A 54 16.94 14.81 -3.82
CA THR A 54 17.76 14.54 -2.66
C THR A 54 17.26 13.32 -1.87
N LEU A 55 15.94 13.17 -1.69
CA LEU A 55 15.44 12.02 -0.93
C LEU A 55 15.66 10.68 -1.68
N TYR A 56 15.60 10.72 -3.01
CA TYR A 56 15.86 9.54 -3.86
C TYR A 56 17.27 9.08 -3.53
N ASP A 57 18.13 10.07 -3.43
CA ASP A 57 19.53 9.87 -3.14
C ASP A 57 19.74 9.28 -1.74
N THR A 58 19.00 9.81 -0.76
CA THR A 58 19.09 9.32 0.61
C THR A 58 18.62 7.87 0.68
N LEU A 59 17.47 7.61 0.06
CA LEU A 59 16.87 6.29 0.02
C LEU A 59 17.74 5.28 -0.72
N ASN A 60 18.32 5.69 -1.83
CA ASN A 60 19.13 4.73 -2.56
C ASN A 60 20.49 4.41 -1.95
N THR A 61 20.95 5.22 -1.00
CA THR A 61 22.22 4.94 -0.34
C THR A 61 22.04 3.77 0.61
N LEU A 62 20.81 3.54 1.08
CA LEU A 62 20.56 2.42 2.00
C LEU A 62 21.17 1.17 1.38
N LYS A 63 21.23 1.17 0.05
CA LYS A 63 21.78 0.06 -0.70
C LYS A 63 23.27 -0.15 -0.49
N ASN A 64 23.94 0.79 0.18
CA ASN A 64 25.37 0.64 0.46
C ASN A 64 25.58 -0.27 1.64
N ARG A 65 24.58 -0.32 2.53
CA ARG A 65 24.68 -1.18 3.70
C ARG A 65 24.09 -2.55 3.40
N ASN A 66 23.14 -2.58 2.47
CA ASN A 66 22.48 -3.83 2.09
C ASN A 66 22.36 -3.88 0.57
N PRO A 67 23.29 -4.58 -0.10
CA PRO A 67 23.30 -4.68 -1.56
C PRO A 67 22.16 -5.51 -2.16
N ASN A 68 21.51 -6.35 -1.37
CA ASN A 68 20.41 -7.15 -1.89
C ASN A 68 19.08 -6.36 -1.92
N LEU A 69 19.07 -5.14 -1.36
CA LEU A 69 17.86 -4.29 -1.32
C LEU A 69 17.49 -3.72 -2.69
N LYS A 70 16.25 -3.94 -3.14
CA LYS A 70 15.82 -3.36 -4.41
C LYS A 70 14.92 -2.18 -4.06
N THR A 71 14.97 -1.10 -4.83
CA THR A 71 14.09 0.05 -4.57
C THR A 71 13.29 0.34 -5.85
N LEU A 72 12.09 0.90 -5.71
CA LEU A 72 11.27 1.21 -6.89
C LEU A 72 10.63 2.58 -6.73
N LEU A 73 10.27 3.22 -7.84
CA LEU A 73 9.59 4.51 -7.76
C LEU A 73 8.16 4.22 -8.22
N SER A 74 7.18 4.83 -7.56
CA SER A 74 5.77 4.63 -7.90
C SER A 74 5.12 5.85 -8.57
N VAL A 75 4.52 5.65 -9.75
CA VAL A 75 3.80 6.73 -10.47
C VAL A 75 2.33 6.55 -10.16
N GLY A 76 1.59 7.66 -10.08
CA GLY A 76 0.18 7.57 -9.82
C GLY A 76 -0.25 7.92 -8.40
N GLY A 77 -0.97 7.00 -7.76
CA GLY A 77 -1.44 7.23 -6.39
C GLY A 77 -2.75 8.01 -6.35
N TRP A 78 -3.51 7.85 -5.28
CA TRP A 78 -4.84 8.51 -5.14
C TRP A 78 -4.99 10.03 -5.39
N ASN A 79 -4.06 10.87 -4.89
CA ASN A 79 -4.15 12.34 -5.12
C ASN A 79 -3.62 12.74 -6.47
N TYR A 80 -3.88 11.88 -7.45
CA TYR A 80 -3.40 12.07 -8.81
C TYR A 80 -4.55 11.68 -9.75
N GLY A 81 -4.94 12.58 -10.65
CA GLY A 81 -6.04 12.28 -11.55
C GLY A 81 -6.02 10.90 -12.19
N SER A 82 -7.14 10.18 -12.12
CA SER A 82 -7.24 8.87 -12.76
C SER A 82 -7.36 9.21 -14.24
N GLN A 83 -8.02 10.32 -14.48
CA GLN A 83 -8.23 10.83 -15.82
C GLN A 83 -6.89 11.09 -16.51
N ARG A 84 -5.94 11.62 -15.73
CA ARG A 84 -4.62 11.92 -16.26
C ARG A 84 -3.85 10.71 -16.83
N PHE A 85 -3.98 9.56 -16.17
CA PHE A 85 -3.33 8.34 -16.66
C PHE A 85 -4.07 7.86 -17.90
N SER A 86 -5.40 7.96 -17.86
CA SER A 86 -6.25 7.54 -18.96
C SER A 86 -5.91 8.27 -20.27
N LYS A 87 -5.55 9.55 -20.11
CA LYS A 87 -5.16 10.42 -21.22
C LYS A 87 -3.84 9.95 -21.80
N ILE A 88 -2.88 9.65 -20.91
CA ILE A 88 -1.59 9.18 -21.35
C ILE A 88 -1.69 7.81 -22.00
N ALA A 89 -2.46 6.90 -21.41
CA ALA A 89 -2.54 5.53 -21.95
C ALA A 89 -3.36 5.22 -23.21
N SER A 90 -4.44 5.96 -23.50
CA SER A 90 -5.27 5.68 -24.69
C SER A 90 -4.71 6.17 -26.04
N LYS A 91 -3.88 7.20 -26.00
CA LYS A 91 -3.30 7.79 -27.19
C LYS A 91 -1.88 7.23 -27.37
N THR A 92 -1.64 6.57 -28.49
CA THR A 92 -0.34 5.95 -28.76
C THR A 92 0.87 6.90 -28.71
N GLN A 93 0.75 8.11 -29.22
CA GLN A 93 1.87 9.05 -29.20
C GLN A 93 2.25 9.42 -27.76
N SER A 94 1.26 9.53 -26.87
CA SER A 94 1.53 9.91 -25.48
C SER A 94 2.13 8.78 -24.66
N ARG A 95 1.58 7.58 -24.83
CA ARG A 95 2.06 6.42 -24.08
C ARG A 95 3.52 6.06 -24.36
N ARG A 96 3.92 6.06 -25.63
CA ARG A 96 5.30 5.72 -25.99
C ARG A 96 6.26 6.77 -25.43
N THR A 97 5.84 8.03 -25.39
CA THR A 97 6.68 9.08 -24.84
C THR A 97 6.90 8.82 -23.35
N PHE A 98 5.82 8.47 -22.65
CA PHE A 98 5.90 8.15 -21.23
C PHE A 98 6.84 6.97 -21.04
N ILE A 99 6.57 5.88 -21.76
CA ILE A 99 7.39 4.69 -21.68
C ILE A 99 8.90 4.96 -21.93
N LYS A 100 9.24 5.52 -23.09
CA LYS A 100 10.64 5.82 -23.43
C LYS A 100 11.37 6.64 -22.37
N SER A 101 10.62 7.42 -21.61
CA SER A 101 11.20 8.29 -20.60
C SER A 101 11.54 7.66 -19.26
N VAL A 102 11.02 6.47 -18.99
CA VAL A 102 11.23 5.84 -17.68
C VAL A 102 12.60 5.18 -17.41
N PRO A 103 13.10 4.32 -18.32
CA PRO A 103 14.41 3.75 -17.96
C PRO A 103 15.48 4.84 -17.70
N PRO A 104 15.57 5.87 -18.56
CA PRO A 104 16.57 6.92 -18.29
C PRO A 104 16.47 7.52 -16.87
N PHE A 105 15.25 7.87 -16.49
CA PHE A 105 14.97 8.48 -15.19
C PHE A 105 15.38 7.57 -14.02
N LEU A 106 14.94 6.31 -14.07
CA LEU A 106 15.25 5.34 -13.03
C LEU A 106 16.77 5.10 -12.88
N ARG A 107 17.46 4.98 -14.02
CA ARG A 107 18.91 4.78 -14.03
C ARG A 107 19.62 6.01 -13.41
N THR A 108 19.24 7.21 -13.82
CA THR A 108 19.82 8.42 -13.27
C THR A 108 19.76 8.46 -11.74
N HIS A 109 18.57 8.27 -11.19
CA HIS A 109 18.38 8.35 -9.75
C HIS A 109 18.58 7.03 -9.00
N GLY A 110 18.96 6.00 -9.73
CA GLY A 110 19.29 4.72 -9.10
C GLY A 110 18.18 3.84 -8.54
N PHE A 111 17.04 3.78 -9.22
CA PHE A 111 15.93 2.93 -8.81
C PHE A 111 16.07 1.63 -9.59
N ASP A 112 15.56 0.54 -9.03
CA ASP A 112 15.64 -0.76 -9.68
C ASP A 112 14.38 -1.16 -10.45
N GLY A 113 13.34 -0.33 -10.36
CA GLY A 113 12.10 -0.65 -11.05
C GLY A 113 11.03 0.40 -10.90
N LEU A 114 9.93 0.23 -11.62
CA LEU A 114 8.80 1.15 -11.57
C LEU A 114 7.56 0.44 -11.02
N ASP A 115 6.73 1.18 -10.30
CA ASP A 115 5.50 0.65 -9.74
C ASP A 115 4.34 1.49 -10.27
N LEU A 116 3.39 0.83 -10.92
CA LEU A 116 2.23 1.51 -11.46
C LEU A 116 1.10 1.55 -10.45
N ALA A 117 0.81 2.73 -9.93
CA ALA A 117 -0.28 2.86 -8.99
C ALA A 117 -1.37 3.74 -9.62
N TRP A 118 -2.04 3.19 -10.62
CA TRP A 118 -3.14 3.79 -11.31
C TRP A 118 -4.36 3.34 -10.62
N LEU A 119 -5.04 4.27 -9.98
CA LEU A 119 -6.17 4.00 -9.16
C LEU A 119 -7.28 4.94 -9.46
N TRP A 120 -8.28 4.50 -10.16
CA TRP A 120 -8.21 3.26 -10.81
C TRP A 120 -9.05 3.24 -12.01
N PRO A 121 -8.64 2.45 -12.98
CA PRO A 121 -9.24 2.52 -14.28
C PRO A 121 -10.69 2.19 -14.27
N GLY A 122 -11.46 2.86 -15.10
CA GLY A 122 -12.85 2.59 -15.26
C GLY A 122 -12.96 1.58 -16.32
N TRP A 123 -14.14 1.18 -16.71
CA TRP A 123 -14.30 0.07 -17.64
C TRP A 123 -13.85 0.39 -19.07
N ARG A 124 -13.78 1.67 -19.43
CA ARG A 124 -13.29 2.03 -20.76
C ARG A 124 -11.78 1.91 -20.80
N ASP A 125 -11.14 2.04 -19.64
CA ASP A 125 -9.69 1.98 -19.50
C ASP A 125 -8.95 0.62 -19.45
N LYS A 126 -9.67 -0.45 -19.13
CA LYS A 126 -9.07 -1.78 -19.03
C LYS A 126 -8.11 -2.16 -20.17
N ARG A 127 -8.53 -2.08 -21.44
CA ARG A 127 -7.59 -2.46 -22.51
C ARG A 127 -6.36 -1.56 -22.56
N HIS A 128 -6.52 -0.30 -22.17
CA HIS A 128 -5.38 0.60 -22.16
C HIS A 128 -4.37 0.31 -21.02
N LEU A 129 -4.85 -0.21 -19.90
CA LEU A 129 -3.95 -0.56 -18.79
C LEU A 129 -3.10 -1.73 -19.26
N THR A 130 -3.75 -2.66 -19.94
CA THR A 130 -3.07 -3.84 -20.44
C THR A 130 -1.94 -3.46 -21.41
N THR A 131 -2.25 -2.55 -22.33
CA THR A 131 -1.30 -2.09 -23.33
C THR A 131 -0.14 -1.37 -22.63
N LEU A 132 -0.47 -0.57 -21.61
CA LEU A 132 0.53 0.17 -20.85
C LEU A 132 1.50 -0.80 -20.21
N VAL A 133 0.96 -1.82 -19.55
CA VAL A 133 1.78 -2.81 -18.90
C VAL A 133 2.63 -3.64 -19.88
N LYS A 134 2.04 -4.02 -21.00
CA LYS A 134 2.71 -4.84 -22.02
C LYS A 134 3.89 -4.11 -22.69
N GLU A 135 3.60 -2.91 -23.20
CA GLU A 135 4.61 -2.11 -23.86
C GLU A 135 5.68 -1.63 -22.88
N MET A 136 5.32 -1.35 -21.63
CA MET A 136 6.30 -0.93 -20.64
C MET A 136 7.26 -2.06 -20.33
N LYS A 137 6.74 -3.26 -20.10
CA LYS A 137 7.62 -4.39 -19.83
C LYS A 137 8.56 -4.59 -21.01
N ALA A 138 8.00 -4.60 -22.21
CA ALA A 138 8.80 -4.79 -23.42
C ALA A 138 9.96 -3.79 -23.48
N GLU A 139 9.72 -2.55 -23.04
CA GLU A 139 10.77 -1.54 -23.03
C GLU A 139 11.83 -1.93 -22.02
N PHE A 140 11.39 -2.36 -20.84
CA PHE A 140 12.34 -2.79 -19.82
C PHE A 140 13.19 -3.95 -20.33
N VAL A 141 12.59 -4.86 -21.10
CA VAL A 141 13.35 -5.98 -21.66
C VAL A 141 14.36 -5.49 -22.70
N ARG A 142 13.92 -4.63 -23.61
CA ARG A 142 14.79 -4.09 -24.64
C ARG A 142 15.94 -3.31 -23.98
N GLU A 143 15.65 -2.52 -22.96
CA GLU A 143 16.72 -1.76 -22.31
C GLU A 143 17.80 -2.63 -21.66
N ALA A 144 17.42 -3.81 -21.17
CA ALA A 144 18.38 -4.70 -20.51
C ALA A 144 19.49 -5.23 -21.42
N GLN A 145 19.25 -5.24 -22.72
CA GLN A 145 20.22 -5.74 -23.70
C GLN A 145 21.54 -4.97 -23.60
N ALA A 146 21.46 -3.73 -23.12
CA ALA A 146 22.64 -2.87 -22.97
C ALA A 146 23.60 -3.30 -21.87
N GLY A 147 23.22 -4.35 -21.12
CA GLY A 147 24.11 -4.84 -20.07
C GLY A 147 23.74 -4.62 -18.61
N THR A 148 22.67 -3.88 -18.36
CA THR A 148 22.19 -3.57 -17.02
C THR A 148 21.23 -4.68 -16.55
N GLU A 149 21.02 -4.78 -15.24
CA GLU A 149 20.10 -5.79 -14.71
C GLU A 149 18.70 -5.28 -15.01
N GLN A 150 17.86 -6.13 -15.59
CA GLN A 150 16.49 -5.75 -15.98
C GLN A 150 15.72 -4.96 -14.92
N LEU A 151 15.04 -3.89 -15.34
CA LEU A 151 14.26 -3.11 -14.40
C LEU A 151 13.03 -3.92 -14.02
N LEU A 152 12.58 -3.78 -12.78
CA LEU A 152 11.41 -4.51 -12.33
C LEU A 152 10.19 -3.68 -12.62
N LEU A 153 9.05 -4.34 -12.79
CA LEU A 153 7.82 -3.62 -13.03
C LEU A 153 6.74 -4.25 -12.18
N SER A 154 6.10 -3.44 -11.35
CA SER A 154 5.04 -3.92 -10.51
C SER A 154 3.84 -2.98 -10.59
N ALA A 155 2.73 -3.40 -10.00
CA ALA A 155 1.51 -2.62 -10.00
C ALA A 155 0.73 -2.82 -8.71
N ALA A 156 0.05 -1.76 -8.28
CA ALA A 156 -0.76 -1.80 -7.07
C ALA A 156 -2.18 -1.97 -7.57
N VAL A 157 -2.74 -3.14 -7.28
CA VAL A 157 -4.08 -3.46 -7.71
C VAL A 157 -5.04 -3.47 -6.52
N THR A 158 -6.13 -2.73 -6.69
CA THR A 158 -7.17 -2.59 -5.69
C THR A 158 -7.84 -3.93 -5.32
N ALA A 159 -8.55 -4.00 -4.20
CA ALA A 159 -9.12 -5.29 -3.76
C ALA A 159 -10.63 -5.54 -3.82
N GLY A 160 -11.42 -4.50 -4.07
CA GLY A 160 -12.86 -4.71 -4.17
C GLY A 160 -13.14 -5.42 -5.48
N LYS A 161 -14.01 -6.42 -5.40
CA LYS A 161 -14.39 -7.22 -6.57
C LYS A 161 -14.82 -6.36 -7.77
N ILE A 162 -15.78 -5.47 -7.54
CA ILE A 162 -16.28 -4.60 -8.59
C ILE A 162 -15.17 -3.77 -9.24
N ALA A 163 -14.20 -3.32 -8.44
CA ALA A 163 -13.08 -2.54 -8.97
C ALA A 163 -12.23 -3.42 -9.89
N ILE A 164 -11.95 -4.64 -9.48
CA ILE A 164 -11.16 -5.52 -10.26
C ILE A 164 -11.81 -5.88 -11.55
N ASP A 165 -13.09 -6.20 -11.52
CA ASP A 165 -13.80 -6.58 -12.73
C ASP A 165 -13.91 -5.45 -13.74
N ARG A 166 -14.22 -4.28 -13.28
CA ARG A 166 -14.31 -3.07 -14.08
C ARG A 166 -13.07 -2.84 -14.86
N GLY A 167 -11.93 -2.74 -14.23
CA GLY A 167 -10.78 -2.41 -15.00
C GLY A 167 -9.44 -3.07 -15.00
N TYR A 168 -9.34 -4.30 -14.57
CA TYR A 168 -8.08 -5.00 -14.61
C TYR A 168 -8.22 -6.34 -15.29
N ASP A 169 -7.43 -6.57 -16.31
CA ASP A 169 -7.36 -7.85 -16.97
C ASP A 169 -6.29 -8.59 -16.27
N ILE A 170 -6.55 -8.98 -15.06
CA ILE A 170 -5.62 -9.73 -14.25
C ILE A 170 -4.88 -10.88 -14.94
N ALA A 171 -5.56 -11.69 -15.74
CA ALA A 171 -4.86 -12.80 -16.41
C ALA A 171 -3.82 -12.24 -17.38
N GLN A 172 -4.17 -11.17 -18.09
CA GLN A 172 -3.25 -10.54 -19.03
C GLN A 172 -2.05 -9.89 -18.34
N ILE A 173 -2.31 -8.99 -17.39
CA ILE A 173 -1.21 -8.27 -16.76
C ILE A 173 -0.22 -9.06 -15.90
N SER A 174 -0.65 -10.15 -15.29
CA SER A 174 0.24 -11.00 -14.47
C SER A 174 1.39 -11.59 -15.27
N ARG A 175 1.15 -11.83 -16.56
CA ARG A 175 2.21 -12.38 -17.40
C ARG A 175 3.38 -11.41 -17.47
N HIS A 176 3.08 -10.13 -17.49
CA HIS A 176 4.13 -9.11 -17.62
C HIS A 176 4.65 -8.41 -16.37
N LEU A 177 3.88 -8.44 -15.29
CA LEU A 177 4.31 -7.81 -14.05
C LEU A 177 5.21 -8.72 -13.25
N ASP A 178 6.10 -8.13 -12.44
CA ASP A 178 7.00 -8.92 -11.61
C ASP A 178 6.27 -9.28 -10.31
N PHE A 179 5.49 -8.36 -9.77
CA PHE A 179 4.62 -8.64 -8.62
C PHE A 179 3.45 -7.68 -8.65
N ILE A 180 2.38 -8.05 -7.95
CA ILE A 180 1.16 -7.29 -7.86
C ILE A 180 0.87 -7.12 -6.41
N SER A 181 0.77 -5.90 -5.93
CA SER A 181 0.41 -5.67 -4.53
C SER A 181 -1.09 -5.50 -4.50
N LEU A 182 -1.75 -6.28 -3.64
CA LEU A 182 -3.20 -6.25 -3.49
C LEU A 182 -3.55 -5.30 -2.34
N LEU A 183 -4.20 -4.19 -2.65
CA LEU A 183 -4.56 -3.20 -1.62
C LEU A 183 -5.69 -3.66 -0.70
N THR A 184 -5.44 -4.71 0.06
CA THR A 184 -6.43 -5.27 0.97
C THR A 184 -6.70 -4.45 2.25
N TYR A 185 -6.96 -3.16 2.12
CA TYR A 185 -7.23 -2.37 3.32
C TYR A 185 -8.21 -1.21 3.17
N ASP A 186 -8.94 -1.21 2.06
CA ASP A 186 -9.91 -0.15 1.82
C ASP A 186 -11.36 -0.68 1.74
N PHE A 187 -11.64 -1.71 2.53
CA PHE A 187 -12.97 -2.31 2.54
C PHE A 187 -14.08 -1.54 3.28
N HIS A 188 -13.72 -0.41 3.87
CA HIS A 188 -14.69 0.42 4.60
C HIS A 188 -14.10 1.82 4.65
N GLY A 189 -14.95 2.81 4.91
CA GLY A 189 -14.47 4.18 4.98
C GLY A 189 -15.62 5.08 5.34
N ALA A 190 -15.33 6.36 5.55
CA ALA A 190 -16.38 7.31 5.91
C ALA A 190 -17.61 7.23 5.00
N TRP A 191 -17.39 6.93 3.72
CA TRP A 191 -18.49 6.85 2.76
C TRP A 191 -19.67 5.96 3.14
N ARG A 192 -19.44 5.00 4.02
CA ARG A 192 -20.55 4.16 4.48
C ARG A 192 -21.03 4.95 5.67
N GLN A 193 -22.31 4.90 5.97
CA GLN A 193 -22.78 5.70 7.08
C GLN A 193 -22.76 4.92 8.42
N THR A 194 -22.03 3.81 8.43
CA THR A 194 -21.89 2.96 9.61
C THR A 194 -20.43 2.61 9.93
N VAL A 195 -20.21 2.23 11.19
CA VAL A 195 -18.90 1.84 11.68
C VAL A 195 -18.61 0.46 11.10
N GLY A 196 -17.33 0.14 10.89
CA GLY A 196 -16.95 -1.15 10.31
C GLY A 196 -15.44 -1.20 10.17
N HIS A 197 -14.85 -2.37 9.89
CA HIS A 197 -13.39 -2.45 9.77
C HIS A 197 -13.00 -2.46 8.30
N HIS A 198 -11.90 -1.77 7.99
CA HIS A 198 -11.42 -1.65 6.62
C HIS A 198 -10.49 -2.77 6.18
N SER A 199 -10.01 -3.60 7.10
CA SER A 199 -9.15 -4.70 6.67
C SER A 199 -9.41 -6.01 7.39
N PRO A 200 -10.68 -6.46 7.39
CA PRO A 200 -10.94 -7.73 8.08
C PRO A 200 -10.16 -8.77 7.27
N LEU A 201 -9.74 -9.85 7.90
CA LEU A 201 -9.01 -10.88 7.16
C LEU A 201 -10.00 -11.93 6.66
N PHE A 202 -11.01 -12.22 7.47
CA PHE A 202 -12.03 -13.18 7.09
C PHE A 202 -13.42 -12.56 7.00
N ARG A 203 -14.33 -13.31 6.38
CA ARG A 203 -15.71 -12.88 6.18
C ARG A 203 -16.42 -12.41 7.46
N GLY A 204 -16.50 -13.29 8.46
CA GLY A 204 -17.16 -12.91 9.69
C GLY A 204 -18.64 -12.74 9.46
N ASN A 205 -19.41 -13.79 9.78
CA ASN A 205 -20.86 -13.77 9.56
C ASN A 205 -21.74 -12.84 10.41
N GLU A 206 -21.52 -11.53 10.28
CA GLU A 206 -22.33 -10.53 10.99
C GLU A 206 -23.09 -9.77 9.92
N ASP A 207 -22.45 -9.60 8.77
CA ASP A 207 -23.05 -8.89 7.64
C ASP A 207 -22.88 -9.78 6.40
N ALA A 208 -23.99 -10.06 5.71
CA ALA A 208 -23.99 -10.96 4.55
C ALA A 208 -24.39 -10.40 3.15
N SER A 209 -23.90 -9.22 2.80
CA SER A 209 -24.07 -8.67 1.47
C SER A 209 -22.71 -8.36 0.90
N SER A 210 -21.79 -8.06 1.79
CA SER A 210 -20.42 -7.91 1.42
C SER A 210 -19.72 -9.16 1.87
N ARG A 211 -19.87 -10.23 1.12
CA ARG A 211 -19.13 -11.38 1.45
C ARG A 211 -17.84 -11.20 0.71
N PHE A 212 -17.67 -10.07 0.07
CA PHE A 212 -16.54 -9.84 -0.80
C PHE A 212 -15.48 -8.90 -0.26
N SER A 213 -15.71 -8.38 0.92
CA SER A 213 -14.97 -7.32 1.48
C SER A 213 -14.07 -7.77 2.57
N ASN A 214 -13.14 -8.64 2.27
CA ASN A 214 -12.14 -9.13 3.22
C ASN A 214 -10.97 -9.64 2.40
N ALA A 215 -9.79 -9.67 3.02
CA ALA A 215 -8.59 -10.10 2.32
C ALA A 215 -8.68 -11.53 1.81
N ASP A 216 -9.34 -12.40 2.57
CA ASP A 216 -9.48 -13.78 2.15
C ASP A 216 -10.21 -13.91 0.81
N TYR A 217 -11.33 -13.23 0.66
CA TYR A 217 -12.02 -13.35 -0.61
C TYR A 217 -11.16 -12.74 -1.73
N ALA A 218 -10.65 -11.53 -1.50
CA ALA A 218 -9.84 -10.87 -2.54
C ALA A 218 -8.68 -11.75 -3.03
N VAL A 219 -7.96 -12.37 -2.10
CA VAL A 219 -6.86 -13.23 -2.50
C VAL A 219 -7.37 -14.44 -3.29
N SER A 220 -8.51 -15.01 -2.90
CA SER A 220 -9.02 -16.14 -3.65
C SER A 220 -9.47 -15.76 -5.05
N TYR A 221 -10.07 -14.58 -5.15
CA TYR A 221 -10.57 -14.07 -6.43
C TYR A 221 -9.42 -13.83 -7.40
N MET A 222 -8.36 -13.20 -6.91
CA MET A 222 -7.20 -12.91 -7.75
C MET A 222 -6.57 -14.22 -8.23
N LEU A 223 -6.60 -15.23 -7.36
CA LEU A 223 -6.08 -16.53 -7.73
C LEU A 223 -6.97 -17.19 -8.77
N ARG A 224 -8.29 -17.10 -8.63
CA ARG A 224 -9.17 -17.74 -9.64
C ARG A 224 -9.08 -17.03 -10.97
N LEU A 225 -8.68 -15.76 -10.91
CA LEU A 225 -8.55 -14.95 -12.11
C LEU A 225 -7.24 -15.22 -12.86
N GLY A 226 -6.35 -16.02 -12.28
CA GLY A 226 -5.10 -16.33 -12.99
C GLY A 226 -3.81 -15.70 -12.51
N ALA A 227 -3.89 -14.84 -11.50
CA ALA A 227 -2.70 -14.25 -10.96
C ALA A 227 -2.01 -15.37 -10.21
N PRO A 228 -0.77 -15.72 -10.60
CA PRO A 228 -0.06 -16.81 -9.90
C PRO A 228 0.25 -16.40 -8.46
N ALA A 229 0.27 -17.35 -7.55
CA ALA A 229 0.54 -17.03 -6.15
C ALA A 229 1.93 -16.44 -5.93
N ASN A 230 2.92 -16.93 -6.68
CA ASN A 230 4.28 -16.45 -6.54
C ASN A 230 4.51 -15.06 -7.14
N LYS A 231 3.43 -14.36 -7.47
CA LYS A 231 3.51 -12.98 -7.99
C LYS A 231 2.56 -12.07 -7.24
N LEU A 232 1.71 -12.67 -6.41
CA LEU A 232 0.72 -11.93 -5.65
C LEU A 232 1.26 -11.51 -4.26
N VAL A 233 1.09 -10.25 -3.92
CA VAL A 233 1.55 -9.74 -2.63
C VAL A 233 0.40 -9.09 -1.85
N MET A 234 0.18 -9.57 -0.63
CA MET A 234 -0.92 -9.07 0.18
C MET A 234 -0.62 -7.79 0.98
N GLY A 235 -1.41 -6.76 0.73
CA GLY A 235 -1.20 -5.50 1.43
C GLY A 235 -1.71 -5.51 2.86
N ILE A 236 -0.88 -5.07 3.77
CA ILE A 236 -1.24 -5.04 5.17
C ILE A 236 -1.06 -3.62 5.65
N PRO A 237 -2.06 -2.99 6.23
CA PRO A 237 -1.91 -1.60 6.62
C PRO A 237 -1.23 -1.45 7.97
N THR A 238 -0.71 -0.25 8.14
CA THR A 238 0.03 0.10 9.30
C THR A 238 -0.62 1.37 9.89
N PHE A 239 -1.76 1.75 9.33
CA PHE A 239 -2.53 2.89 9.80
C PHE A 239 -3.89 2.37 10.24
N GLY A 240 -4.70 3.28 10.77
CA GLY A 240 -6.03 2.92 11.20
C GLY A 240 -7.00 3.95 10.67
N ARG A 241 -8.27 3.60 10.58
CA ARG A 241 -9.24 4.56 10.11
C ARG A 241 -10.11 4.90 11.29
N SER A 242 -10.34 6.19 11.47
CA SER A 242 -11.13 6.68 12.58
C SER A 242 -12.47 7.21 12.11
N TYR A 243 -13.44 7.21 13.02
CA TYR A 243 -14.77 7.73 12.73
C TYR A 243 -15.30 8.47 13.95
N THR A 244 -16.08 9.52 13.70
CA THR A 244 -16.72 10.26 14.78
C THR A 244 -18.07 9.55 14.91
N LEU A 245 -18.44 9.17 16.13
CA LEU A 245 -19.69 8.44 16.36
C LEU A 245 -20.89 9.39 16.48
N ALA A 246 -22.04 8.98 15.94
CA ALA A 246 -23.23 9.82 16.00
C ALA A 246 -24.23 9.45 17.11
N SER A 247 -23.80 8.64 18.07
CA SER A 247 -24.64 8.23 19.19
C SER A 247 -23.74 7.54 20.21
N SER A 248 -24.32 6.85 21.20
CA SER A 248 -23.46 6.16 22.15
C SER A 248 -23.33 4.70 21.73
N LYS A 249 -23.89 4.39 20.55
CA LYS A 249 -23.80 3.03 19.99
C LYS A 249 -22.37 2.86 19.49
N THR A 250 -21.71 1.87 20.06
CA THR A 250 -20.30 1.55 19.84
C THR A 250 -20.01 0.18 19.19
N ASP A 251 -21.05 -0.64 19.06
CA ASP A 251 -20.97 -1.98 18.50
C ASP A 251 -21.07 -2.08 16.98
N VAL A 252 -20.91 -3.30 16.49
CA VAL A 252 -20.99 -3.60 15.06
C VAL A 252 -22.24 -2.92 14.51
N GLY A 253 -22.12 -2.14 13.44
CA GLY A 253 -23.28 -1.49 12.86
C GLY A 253 -23.67 -0.13 13.42
N ALA A 254 -22.98 0.32 14.46
CA ALA A 254 -23.20 1.62 15.08
C ALA A 254 -23.15 2.74 14.03
N PRO A 255 -23.93 3.84 14.21
CA PRO A 255 -23.93 4.95 13.24
C PRO A 255 -22.76 5.95 13.30
N ILE A 256 -22.60 6.72 12.23
CA ILE A 256 -21.47 7.63 12.06
C ILE A 256 -21.75 9.05 11.56
N SER A 257 -21.26 10.05 12.29
CA SER A 257 -21.44 11.44 11.86
C SER A 257 -20.43 11.80 10.76
N GLY A 258 -19.31 11.07 10.72
CA GLY A 258 -18.28 11.33 9.73
C GLY A 258 -16.92 10.79 10.14
N PRO A 259 -15.81 11.28 9.55
CA PRO A 259 -14.44 10.82 9.88
C PRO A 259 -14.03 11.26 11.30
N GLY A 260 -13.04 10.58 11.88
CA GLY A 260 -12.58 10.93 13.21
C GLY A 260 -11.80 12.24 13.20
N ILE A 261 -11.49 12.80 14.35
CA ILE A 261 -10.73 14.05 14.38
C ILE A 261 -9.32 13.70 13.94
N PRO A 262 -8.58 14.69 13.39
CA PRO A 262 -7.21 14.41 12.95
C PRO A 262 -6.22 14.10 14.06
N GLY A 263 -5.16 13.40 13.70
CA GLY A 263 -4.11 13.09 14.66
C GLY A 263 -3.15 14.24 14.76
N ARG A 264 -2.45 14.34 15.88
CA ARG A 264 -1.49 15.40 16.14
C ARG A 264 -0.39 15.54 15.09
N PHE A 265 0.06 14.40 14.58
CA PHE A 265 1.13 14.36 13.59
C PHE A 265 0.76 14.15 12.12
N THR A 266 -0.18 13.25 11.84
CA THR A 266 -0.57 13.00 10.44
C THR A 266 -1.56 14.02 9.86
N LYS A 267 -2.29 14.72 10.73
CA LYS A 267 -3.24 15.76 10.31
C LYS A 267 -4.03 15.41 9.05
N TRP A 268 -4.98 14.49 9.18
CA TRP A 268 -5.78 14.00 8.05
C TRP A 268 -7.08 13.40 8.60
N LYS A 269 -8.24 13.99 8.30
CA LYS A 269 -9.51 13.45 8.80
C LYS A 269 -9.72 11.96 8.41
N GLY A 270 -10.02 11.14 9.42
CA GLY A 270 -10.30 9.72 9.20
C GLY A 270 -9.12 8.77 9.11
N ILE A 271 -7.91 9.24 9.39
CA ILE A 271 -6.71 8.43 9.35
C ILE A 271 -5.87 8.66 10.60
N LEU A 272 -5.16 7.65 11.07
CA LEU A 272 -4.23 7.74 12.21
C LEU A 272 -3.05 6.83 11.92
N ALA A 273 -1.85 7.27 12.30
CA ALA A 273 -0.67 6.46 12.11
C ALA A 273 -0.69 5.48 13.28
N TYR A 274 0.03 4.38 13.19
CA TYR A 274 0.03 3.44 14.29
C TYR A 274 0.63 4.07 15.55
N TYR A 275 1.58 4.98 15.37
CA TYR A 275 2.19 5.62 16.54
C TYR A 275 1.20 6.58 17.22
N GLU A 276 0.27 7.13 16.45
CA GLU A 276 -0.75 7.98 17.04
C GLU A 276 -1.74 7.07 17.77
N ILE A 277 -2.01 5.91 17.19
CA ILE A 277 -2.93 4.93 17.77
C ILE A 277 -2.39 4.39 19.09
N CYS A 278 -1.08 4.25 19.20
CA CYS A 278 -0.51 3.80 20.45
C CYS A 278 -0.80 4.83 21.53
N ASP A 279 -0.74 6.10 21.17
CA ASP A 279 -1.02 7.15 22.15
C ASP A 279 -2.52 7.17 22.48
N PHE A 280 -3.36 7.01 21.47
CA PHE A 280 -4.82 6.98 21.60
C PHE A 280 -5.36 5.86 22.50
N LEU A 281 -4.70 4.70 22.46
CA LEU A 281 -5.17 3.55 23.25
C LEU A 281 -5.23 3.79 24.78
N HIS A 282 -4.40 4.68 25.32
CA HIS A 282 -4.46 4.95 26.75
C HIS A 282 -5.81 5.50 27.15
N GLY A 283 -6.57 4.72 27.93
CA GLY A 283 -7.87 5.19 28.37
C GLY A 283 -8.96 4.96 27.33
N ALA A 284 -8.70 4.04 26.41
CA ALA A 284 -9.66 3.70 25.37
C ALA A 284 -10.09 2.28 25.67
N THR A 285 -11.17 1.82 25.07
CA THR A 285 -11.57 0.46 25.31
C THR A 285 -11.24 -0.33 24.07
N THR A 286 -10.34 -1.30 24.23
CA THR A 286 -9.96 -2.13 23.12
C THR A 286 -11.07 -3.15 22.95
N HIS A 287 -11.28 -3.59 21.71
CA HIS A 287 -12.27 -4.62 21.37
C HIS A 287 -11.69 -5.34 20.17
N ARG A 288 -12.13 -6.56 19.92
CA ARG A 288 -11.62 -7.33 18.79
C ARG A 288 -12.66 -8.23 18.13
N PHE A 289 -12.92 -8.01 16.84
CA PHE A 289 -13.88 -8.82 16.09
C PHE A 289 -13.31 -10.23 16.02
N ARG A 290 -13.96 -11.20 16.66
CA ARG A 290 -13.42 -12.57 16.66
C ARG A 290 -13.42 -13.27 15.29
N ASP A 291 -14.53 -13.16 14.56
CA ASP A 291 -14.62 -13.77 13.22
C ASP A 291 -13.62 -13.13 12.26
N GLN A 292 -13.74 -11.81 12.08
CA GLN A 292 -12.89 -11.05 11.17
C GLN A 292 -11.40 -10.95 11.56
N GLN A 293 -11.12 -11.19 12.84
CA GLN A 293 -9.77 -11.21 13.42
C GLN A 293 -8.94 -9.94 13.38
N VAL A 294 -9.58 -8.82 13.67
CA VAL A 294 -8.92 -7.53 13.68
C VAL A 294 -9.53 -6.72 14.82
N PRO A 295 -8.75 -5.81 15.41
CA PRO A 295 -9.25 -5.02 16.53
C PRO A 295 -9.83 -3.66 16.19
N TYR A 296 -10.50 -3.06 17.18
CA TYR A 296 -10.96 -1.68 17.09
C TYR A 296 -10.95 -1.16 18.51
N ALA A 297 -10.78 0.14 18.64
CA ALA A 297 -10.75 0.77 19.92
C ALA A 297 -11.67 1.96 19.87
N THR A 298 -12.19 2.35 21.02
CA THR A 298 -13.10 3.49 21.07
C THR A 298 -12.95 4.24 22.39
N LYS A 299 -13.12 5.55 22.30
CA LYS A 299 -12.94 6.43 23.44
C LYS A 299 -13.69 7.75 23.14
N GLY A 300 -14.51 8.23 24.09
CA GLY A 300 -15.26 9.44 23.83
C GLY A 300 -16.14 9.14 22.63
N ASN A 301 -16.22 10.07 21.69
CA ASN A 301 -17.03 9.81 20.51
C ASN A 301 -16.17 9.41 19.33
N GLN A 302 -14.94 8.97 19.60
CA GLN A 302 -14.03 8.52 18.56
C GLN A 302 -14.05 6.99 18.53
N TRP A 303 -14.00 6.45 17.32
CA TRP A 303 -14.02 5.00 17.11
C TRP A 303 -12.94 4.73 16.06
N VAL A 304 -11.98 3.87 16.39
CA VAL A 304 -10.89 3.59 15.49
C VAL A 304 -10.72 2.11 15.12
N ALA A 305 -10.69 1.82 13.82
CA ALA A 305 -10.49 0.46 13.31
C ALA A 305 -9.03 0.42 12.92
N TYR A 306 -8.28 -0.50 13.53
CA TYR A 306 -6.85 -0.56 13.27
C TYR A 306 -6.24 -1.98 13.26
N ASP A 307 -4.92 -2.06 13.11
CA ASP A 307 -4.18 -3.34 13.13
C ASP A 307 -3.06 -3.31 14.18
N ASP A 308 -2.88 -4.39 14.94
CA ASP A 308 -1.79 -4.47 15.90
C ASP A 308 -0.88 -5.66 15.60
N GLN A 309 0.06 -5.97 16.47
CA GLN A 309 0.97 -7.08 16.20
C GLN A 309 0.28 -8.43 16.04
N GLU A 310 -0.79 -8.68 16.80
CA GLU A 310 -1.49 -9.95 16.65
C GLU A 310 -2.17 -10.05 15.29
N SER A 311 -2.92 -9.01 14.88
CA SER A 311 -3.62 -9.09 13.60
C SER A 311 -2.72 -9.17 12.38
N VAL A 312 -1.65 -8.39 12.41
CA VAL A 312 -0.67 -8.31 11.34
C VAL A 312 0.11 -9.64 11.16
N LYS A 313 0.37 -10.34 12.28
CA LYS A 313 1.03 -11.65 12.29
C LYS A 313 0.05 -12.69 11.73
N ASN A 314 -1.22 -12.48 12.05
CA ASN A 314 -2.24 -13.41 11.60
C ASN A 314 -2.40 -13.34 10.09
N LYS A 315 -2.37 -12.12 9.58
CA LYS A 315 -2.49 -11.87 8.16
C LYS A 315 -1.26 -12.48 7.48
N ALA A 316 -0.11 -12.31 8.12
CA ALA A 316 1.13 -12.84 7.58
C ALA A 316 1.09 -14.36 7.49
N ARG A 317 0.54 -15.02 8.52
CA ARG A 317 0.45 -16.49 8.47
C ARG A 317 -0.48 -16.87 7.34
N TYR A 318 -1.54 -16.11 7.18
CA TYR A 318 -2.48 -16.38 6.13
C TYR A 318 -1.78 -16.40 4.78
N LEU A 319 -1.05 -15.37 4.41
CA LEU A 319 -0.39 -15.36 3.13
C LEU A 319 0.58 -16.49 2.93
N LYS A 320 1.24 -16.93 3.98
CA LYS A 320 2.16 -18.02 3.92
C LYS A 320 1.44 -19.30 3.70
N ASN A 321 0.35 -19.50 4.41
CA ASN A 321 -0.47 -20.69 4.21
C ASN A 321 -0.99 -20.84 2.78
N ARG A 322 -1.26 -19.72 2.12
CA ARG A 322 -1.72 -19.79 0.76
C ARG A 322 -0.55 -19.70 -0.24
N GLN A 323 0.67 -19.74 0.30
CA GLN A 323 1.89 -19.65 -0.49
C GLN A 323 1.98 -18.45 -1.45
N LEU A 324 1.67 -17.26 -0.94
CA LEU A 324 1.76 -16.07 -1.76
C LEU A 324 3.23 -15.63 -1.79
N ALA A 325 3.56 -14.68 -2.64
CA ALA A 325 4.96 -14.22 -2.76
C ALA A 325 5.49 -13.46 -1.57
N GLY A 326 4.60 -12.76 -0.87
CA GLY A 326 4.99 -11.98 0.30
C GLY A 326 3.93 -11.02 0.80
N ALA A 327 4.37 -10.03 1.59
CA ALA A 327 3.47 -9.03 2.14
C ALA A 327 3.92 -7.65 1.67
N MET A 328 2.99 -6.69 1.65
CA MET A 328 3.26 -5.31 1.25
C MET A 328 2.74 -4.47 2.40
N VAL A 329 3.54 -3.52 2.85
CA VAL A 329 3.23 -2.61 3.93
C VAL A 329 2.95 -1.18 3.47
N TRP A 330 1.83 -0.62 3.86
CA TRP A 330 1.58 0.75 3.64
C TRP A 330 1.41 1.32 4.94
N ALA A 331 2.35 2.08 5.47
CA ALA A 331 3.51 2.57 4.81
C ALA A 331 4.51 2.64 5.90
N LEU A 332 5.79 2.60 5.64
CA LEU A 332 6.77 2.56 6.76
C LEU A 332 6.68 3.76 7.71
N ASP A 333 6.26 4.90 7.16
CA ASP A 333 6.19 6.15 7.93
C ASP A 333 4.94 6.34 8.80
N LEU A 334 4.06 5.36 8.83
CA LEU A 334 2.87 5.44 9.66
C LEU A 334 3.02 4.36 10.73
N ASP A 335 4.11 3.59 10.63
CA ASP A 335 4.45 2.55 11.59
C ASP A 335 5.22 3.32 12.66
N ASP A 336 5.52 2.67 13.78
CA ASP A 336 6.29 3.37 14.83
C ASP A 336 7.76 3.33 14.41
N PHE A 337 8.12 4.18 13.46
CA PHE A 337 9.48 4.19 12.93
C PHE A 337 10.61 4.61 13.89
N ARG A 338 10.33 5.43 14.90
CA ARG A 338 11.37 5.82 15.84
C ARG A 338 11.42 4.75 16.93
N GLY A 339 10.23 4.21 17.24
CA GLY A 339 10.08 3.16 18.24
C GLY A 339 9.96 3.64 19.67
N THR A 340 9.36 4.82 19.84
CA THR A 340 9.25 5.43 21.15
C THR A 340 7.82 5.78 21.58
N PHE A 341 6.82 5.39 20.77
CA PHE A 341 5.42 5.67 21.11
C PHE A 341 4.69 4.44 21.60
N CYS A 342 5.00 3.31 21.01
CA CYS A 342 4.31 2.07 21.33
C CYS A 342 4.81 1.14 22.43
N GLY A 343 5.31 1.70 23.53
CA GLY A 343 5.78 0.87 24.63
C GLY A 343 7.13 0.24 24.30
N GLN A 344 7.11 -1.05 23.98
CA GLN A 344 8.35 -1.78 23.66
C GLN A 344 9.40 -0.88 23.01
N ASN A 345 10.66 -1.06 23.38
CA ASN A 345 11.67 -0.22 22.76
C ASN A 345 12.19 -0.83 21.46
N LEU A 346 11.21 -1.19 20.62
CA LEU A 346 11.42 -1.78 19.30
C LEU A 346 10.96 -0.72 18.29
N THR A 347 11.62 -0.74 17.15
CA THR A 347 11.35 0.20 16.07
C THR A 347 10.69 -0.56 14.90
N PHE A 348 9.66 0.06 14.29
CA PHE A 348 8.87 -0.55 13.22
C PHE A 348 8.30 -1.81 13.85
N PRO A 349 7.46 -1.67 14.89
CA PRO A 349 6.87 -2.85 15.54
C PRO A 349 6.08 -3.66 14.54
N LEU A 350 5.14 -3.00 13.87
CA LEU A 350 4.27 -3.69 12.92
C LEU A 350 5.05 -4.38 11.81
N THR A 351 5.96 -3.68 11.14
CA THR A 351 6.70 -4.35 10.09
C THR A 351 7.63 -5.43 10.64
N SER A 352 8.28 -5.23 11.78
CA SER A 352 9.13 -6.32 12.25
C SER A 352 8.30 -7.58 12.57
N ALA A 353 7.09 -7.40 13.08
CA ALA A 353 6.19 -8.52 13.37
C ALA A 353 5.84 -9.27 12.08
N ILE A 354 5.54 -8.55 11.00
CA ILE A 354 5.22 -9.20 9.75
C ILE A 354 6.43 -10.06 9.36
N LYS A 355 7.60 -9.43 9.30
CA LYS A 355 8.84 -10.11 8.93
C LYS A 355 9.12 -11.36 9.77
N ASP A 356 8.81 -11.31 11.07
CA ASP A 356 9.03 -12.46 11.94
C ASP A 356 8.30 -13.69 11.43
N VAL A 357 7.07 -13.53 10.99
CA VAL A 357 6.31 -14.68 10.52
C VAL A 357 6.88 -15.14 9.19
N LEU A 358 7.22 -14.18 8.34
CA LEU A 358 7.79 -14.49 7.04
C LEU A 358 9.18 -15.13 7.16
N ALA A 359 9.93 -14.77 8.20
CA ALA A 359 11.27 -15.32 8.38
C ALA A 359 11.34 -16.67 9.07
N ARG A 360 10.23 -17.17 9.59
CA ARG A 360 10.30 -18.47 10.24
C ARG A 360 9.70 -19.69 9.53
N VAL A 361 9.55 -20.77 10.29
CA VAL A 361 9.03 -22.05 9.80
C VAL A 361 7.52 -22.02 9.53
C1 NAG B . -3.35 3.00 -0.89
C2 NAG B . -2.61 3.90 -1.87
C3 NAG B . -2.47 5.37 -1.38
C4 NAG B . -3.30 5.70 -0.12
C5 NAG B . -3.22 4.59 0.96
C6 NAG B . -4.35 4.69 2.00
C7 NAG B . -0.89 2.66 -3.18
C8 NAG B . 0.31 1.79 -3.06
N2 NAG B . -1.40 3.08 -2.03
O1 NAG B . -4.74 3.08 -1.14
O3 NAG B . -2.82 6.30 -2.40
O4 NAG B . -2.73 6.76 0.69
O5 NAG B . -3.01 3.27 0.46
O6 NAG B . -5.51 4.03 1.55
O7 NAG B . -1.30 2.94 -4.31
C1 NAG B . -3.10 8.16 0.38
C2 NAG B . -2.58 8.84 1.66
C3 NAG B . -2.79 10.33 1.65
C4 NAG B . -2.18 10.96 0.37
C5 NAG B . -2.62 10.19 -0.92
C6 NAG B . -1.77 10.61 -2.11
C7 NAG B . -2.68 7.65 3.83
C8 NAG B . -3.61 7.15 4.88
N2 NAG B . -3.28 8.27 2.81
O3 NAG B . -2.26 10.84 2.87
O4 NAG B . -2.50 12.36 0.29
O5 NAG B . -2.54 8.76 -0.80
O6 NAG B . -2.07 9.83 -3.26
O7 NAG B . -1.46 7.48 3.92
C1 NAG B . -1.47 13.15 0.93
C2 NAG B . -0.78 14.03 -0.11
C3 NAG B . 0.15 15.04 0.56
C4 NAG B . -0.40 15.74 1.82
C5 NAG B . -1.03 14.68 2.73
C6 NAG B . -1.55 15.26 4.05
C7 NAG B . 0.14 13.61 -2.36
C8 NAG B . 0.97 12.70 -3.25
N2 NAG B . -0.01 13.24 -1.07
O3 NAG B . 0.56 15.98 -0.40
O4 NAG B . 0.66 16.24 2.59
O5 NAG B . -2.03 13.95 1.98
O6 NAG B . -2.88 15.75 3.96
O7 NAG B . -0.34 14.64 -2.84
C1 NAG B . 0.97 17.54 2.10
C2 NAG B . 1.63 18.41 3.15
C3 NAG B . 1.98 19.74 2.53
C4 NAG B . 2.87 19.50 1.33
C5 NAG B . 2.16 18.58 0.36
C6 NAG B . 3.00 18.24 -0.85
C7 NAG B . -0.40 18.80 4.65
C8 NAG B . -1.08 19.83 3.81
N2 NAG B . 0.91 18.59 4.42
O3 NAG B . 2.70 20.54 3.47
O4 NAG B . 3.14 20.74 0.69
O5 NAG B . 1.88 17.38 1.04
O6 NAG B . 2.16 18.03 -1.99
O7 NAG B . -0.99 18.19 5.52
C1 NAG B . 4.44 21.13 1.09
C2 NAG B . 5.21 21.89 0.02
C3 NAG B . 6.60 22.05 0.61
C4 NAG B . 6.58 22.73 1.94
C5 NAG B . 5.65 21.97 2.88
C6 NAG B . 5.48 22.62 4.25
C7 NAG B . 4.46 20.66 -2.05
C8 NAG B . 3.07 21.20 -1.89
N2 NAG B . 5.38 21.19 -1.25
O3 NAG B . 7.48 22.84 -0.18
O4 NAG B . 7.95 22.74 2.34
O5 NAG B . 4.37 21.87 2.29
O6 NAG B . 4.56 21.83 4.99
O7 NAG B . 4.72 19.78 -2.88
C1 NAG C . 2.82 17.69 -11.75
C2 NAG C . 2.84 19.03 -10.98
C3 NAG C . 2.08 20.21 -11.65
C4 NAG C . 1.89 20.09 -13.19
C5 NAG C . 1.46 18.65 -13.46
C6 NAG C . 0.95 18.37 -14.87
C7 NAG C . 2.84 19.00 -8.46
C8 NAG C . 1.94 18.84 -7.25
N2 NAG C . 2.22 18.89 -9.67
O3 NAG C . 2.68 21.47 -11.30
O4 NAG C . 0.95 21.07 -13.65
O5 NAG C . 2.59 17.85 -13.16
O6 NAG C . 2.07 18.28 -15.72
O7 NAG C . 4.05 19.21 -8.25
#